data_2VFC
#
_entry.id   2VFC
#
_cell.length_a   48.950
_cell.length_b   98.000
_cell.length_c   123.900
_cell.angle_alpha   90.00
_cell.angle_beta   90.00
_cell.angle_gamma   90.00
#
_symmetry.space_group_name_H-M   'P 21 21 21'
#
loop_
_entity.id
_entity.type
_entity.pdbx_description
1 polymer 'ARYLAMINE N-ACETYLTRANSFERASE'
2 non-polymer 'COENZYME A'
3 water water
#
_entity_poly.entity_id   1
_entity_poly.type   'polypeptide(L)'
_entity_poly.pdbx_seq_one_letter_code
;MALDLTGYLDRINYRGATDPTLDVLRDLVSAHTGAIAFENLDPLMGVPVDDLSAEALADKLVDRRRGGYCYEHNGLIGYV
LAELGYRVRRLAGRVVWLAPPDAPTPAQTHTVLAVTFPGCQGPYLVDVGFGGMTPTAPLRLETGTVQQTALEPYRLDDRG
DGLVLQAMVRDEWQALYEFSTLTRPQVDLRVGSWFVSTHPTSHFVTGLMAATVADDARWNLMGRNLAIHRRGGTEKILLE
DAAAVVDTLGDRFGINVADVGERGRLEARIDKVCFGAENR
;
_entity_poly.pdbx_strand_id   A,B
#
# COMPACT_ATOMS: atom_id res chain seq x y z
N ASP A 4 17.16 -23.33 10.13
CA ASP A 4 16.76 -21.90 10.38
C ASP A 4 17.47 -21.24 11.57
N LEU A 5 18.81 -21.14 11.59
CA LEU A 5 19.68 -20.74 10.50
C LEU A 5 20.52 -21.77 9.74
N THR A 6 20.60 -23.01 10.22
CA THR A 6 21.44 -23.96 9.52
C THR A 6 20.81 -24.39 8.18
N GLY A 7 19.48 -24.27 8.09
CA GLY A 7 18.77 -24.47 6.83
C GLY A 7 19.27 -23.48 5.80
N TYR A 8 19.31 -22.23 6.23
CA TYR A 8 19.65 -21.08 5.39
C TYR A 8 21.14 -20.96 5.11
N LEU A 9 21.96 -20.92 6.15
CA LEU A 9 23.40 -20.82 5.95
C LEU A 9 23.90 -21.92 5.00
N ASP A 10 23.22 -23.06 4.99
CA ASP A 10 23.56 -24.17 4.09
C ASP A 10 22.99 -23.96 2.67
N ARG A 11 21.79 -23.41 2.57
CA ARG A 11 21.18 -23.11 1.28
C ARG A 11 22.02 -22.13 0.45
N ILE A 12 22.56 -21.11 1.13
CA ILE A 12 23.41 -20.13 0.46
C ILE A 12 24.87 -20.56 0.39
N ASN A 13 25.17 -21.72 0.96
CA ASN A 13 26.54 -22.27 0.96
C ASN A 13 27.60 -21.45 1.69
N TYR A 14 27.19 -20.81 2.80
CA TYR A 14 28.09 -20.03 3.65
C TYR A 14 28.64 -20.83 4.81
N ARG A 15 29.97 -20.90 4.91
CA ARG A 15 30.61 -21.68 5.97
C ARG A 15 32.08 -21.28 6.29
N GLY A 16 32.30 -20.10 6.89
CA GLY A 16 31.28 -19.25 7.47
C GLY A 16 31.51 -19.01 8.95
N ALA A 17 31.72 -17.75 9.33
CA ALA A 17 31.73 -17.34 10.72
C ALA A 17 30.43 -16.57 10.91
N THR A 18 29.88 -16.59 12.12
CA THR A 18 28.54 -16.04 12.38
C THR A 18 28.50 -14.77 13.27
N ASP A 19 29.65 -14.32 13.78
CA ASP A 19 29.66 -13.09 14.60
C ASP A 19 29.20 -11.90 13.76
N PRO A 20 28.40 -10.99 14.35
CA PRO A 20 27.78 -9.93 13.56
C PRO A 20 28.76 -8.81 13.18
N THR A 21 29.75 -9.11 12.32
CA THR A 21 30.78 -8.14 11.93
C THR A 21 30.55 -7.68 10.50
N LEU A 22 31.33 -6.67 10.06
CA LEU A 22 31.30 -6.21 8.67
C LEU A 22 31.72 -7.29 7.69
N ASP A 23 32.87 -7.92 7.96
CA ASP A 23 33.35 -9.05 7.15
C ASP A 23 32.24 -10.07 6.86
N VAL A 24 31.50 -10.42 7.92
CA VAL A 24 30.47 -11.45 7.89
C VAL A 24 29.23 -10.98 7.16
N LEU A 25 28.95 -9.69 7.26
CA LEU A 25 27.87 -9.08 6.50
C LEU A 25 28.18 -9.07 4.98
N ARG A 26 29.44 -8.86 4.62
CA ARG A 26 29.79 -8.80 3.20
C ARG A 26 29.66 -10.18 2.58
N ASP A 27 30.13 -11.17 3.34
CA ASP A 27 30.22 -12.53 2.89
C ASP A 27 28.84 -13.18 2.77
N LEU A 28 27.95 -12.80 3.70
CA LEU A 28 26.55 -13.23 3.67
C LEU A 28 25.80 -12.67 2.47
N VAL A 29 25.84 -11.35 2.29
CA VAL A 29 25.27 -10.65 1.14
C VAL A 29 25.84 -11.20 -0.18
N SER A 30 27.10 -11.65 -0.16
CA SER A 30 27.70 -12.28 -1.34
C SER A 30 27.14 -13.66 -1.63
N ALA A 31 27.05 -14.50 -0.61
CA ALA A 31 26.60 -15.88 -0.78
C ALA A 31 25.10 -15.89 -1.10
N HIS A 32 24.38 -14.97 -0.49
CA HIS A 32 22.95 -14.95 -0.62
C HIS A 32 22.58 -14.59 -2.06
N THR A 33 23.22 -13.52 -2.56
CA THR A 33 22.95 -13.06 -3.93
C THR A 33 23.50 -14.04 -4.96
N GLY A 34 24.50 -14.84 -4.58
CA GLY A 34 24.98 -15.90 -5.48
C GLY A 34 24.11 -17.15 -5.56
N ALA A 35 23.20 -17.35 -4.61
CA ALA A 35 22.50 -18.63 -4.49
C ALA A 35 20.99 -18.52 -4.64
N ILE A 36 20.43 -17.38 -4.24
CA ILE A 36 18.99 -17.23 -4.34
C ILE A 36 18.62 -16.19 -5.41
N ALA A 37 18.11 -16.69 -6.54
CA ALA A 37 17.67 -15.85 -7.64
C ALA A 37 16.54 -14.94 -7.24
N PHE A 38 16.51 -13.74 -7.82
CA PHE A 38 15.33 -12.92 -7.90
C PHE A 38 14.43 -13.56 -8.95
N GLU A 39 13.12 -13.62 -8.69
CA GLU A 39 12.10 -14.22 -9.63
C GLU A 39 10.68 -13.85 -9.18
N ASN A 40 9.73 -13.92 -10.12
CA ASN A 40 8.32 -13.57 -9.86
C ASN A 40 7.35 -14.67 -10.33
N LEU A 41 7.78 -15.92 -10.23
CA LEU A 41 6.97 -17.00 -10.77
C LEU A 41 5.59 -17.07 -10.17
N ASP A 42 5.51 -16.90 -8.85
CA ASP A 42 4.23 -16.78 -8.13
C ASP A 42 3.29 -15.69 -8.69
N PRO A 43 3.62 -14.40 -8.47
CA PRO A 43 2.73 -13.38 -9.04
C PRO A 43 2.35 -13.70 -10.49
N LEU A 44 3.33 -14.11 -11.29
CA LEU A 44 3.10 -14.44 -12.71
C LEU A 44 2.11 -15.60 -12.88
N MET A 45 2.05 -16.49 -11.90
CA MET A 45 1.10 -17.60 -11.95
C MET A 45 -0.19 -17.28 -11.16
N GLY A 46 -0.36 -16.01 -10.79
CA GLY A 46 -1.55 -15.59 -10.05
C GLY A 46 -1.48 -16.02 -8.60
N VAL A 47 -0.27 -16.12 -8.06
CA VAL A 47 -0.11 -16.46 -6.67
C VAL A 47 0.44 -15.21 -5.96
N PRO A 48 -0.34 -14.56 -5.10
CA PRO A 48 0.15 -13.34 -4.49
C PRO A 48 1.28 -13.63 -3.53
N VAL A 49 2.04 -12.60 -3.20
CA VAL A 49 3.05 -12.71 -2.19
C VAL A 49 2.52 -11.82 -1.10
N ASP A 50 2.02 -12.50 -0.07
CA ASP A 50 1.17 -11.90 0.94
C ASP A 50 1.75 -12.12 2.33
N ASP A 51 2.25 -13.33 2.61
CA ASP A 51 2.75 -13.69 3.94
C ASP A 51 4.25 -13.39 4.06
N LEU A 52 4.61 -12.39 4.88
CA LEU A 52 6.00 -11.92 4.97
C LEU A 52 6.73 -12.38 6.25
N SER A 53 6.18 -13.42 6.87
CA SER A 53 6.75 -13.93 8.09
C SER A 53 8.05 -14.72 7.86
N ALA A 54 8.92 -14.75 8.84
CA ALA A 54 10.08 -15.65 8.78
C ALA A 54 9.68 -17.07 8.35
N GLU A 55 8.64 -17.65 8.93
CA GLU A 55 8.30 -19.03 8.62
C GLU A 55 7.90 -19.15 7.16
N ALA A 56 7.11 -18.22 6.63
CA ALA A 56 6.65 -18.33 5.26
C ALA A 56 7.77 -18.13 4.23
N LEU A 57 8.57 -17.09 4.42
CA LEU A 57 9.71 -16.85 3.53
C LEU A 57 10.79 -17.96 3.60
N ALA A 58 11.11 -18.44 4.82
CA ALA A 58 12.07 -19.52 5.00
C ALA A 58 11.61 -20.75 4.25
N ASP A 59 10.36 -21.13 4.49
CA ASP A 59 9.75 -22.24 3.75
C ASP A 59 9.88 -22.11 2.24
N LYS A 60 9.81 -20.90 1.71
CA LYS A 60 9.86 -20.75 0.24
C LYS A 60 11.28 -20.66 -0.28
N LEU A 61 12.05 -19.69 0.18
CA LEU A 61 13.37 -19.44 -0.37
C LEU A 61 14.47 -20.42 0.11
N VAL A 62 14.19 -21.18 1.16
CA VAL A 62 15.15 -22.14 1.67
C VAL A 62 14.69 -23.58 1.39
N ASP A 63 13.64 -24.02 2.09
CA ASP A 63 13.18 -25.42 2.05
C ASP A 63 12.74 -25.86 0.64
N ARG A 64 11.93 -25.02 0.01
CA ARG A 64 11.40 -25.29 -1.34
C ARG A 64 12.32 -24.84 -2.49
N ARG A 65 13.44 -24.21 -2.15
CA ARG A 65 14.49 -23.83 -3.12
C ARG A 65 13.98 -22.98 -4.29
N ARG A 66 13.10 -22.04 -3.96
CA ARG A 66 12.67 -21.01 -4.90
C ARG A 66 13.45 -19.70 -4.69
N GLY A 67 13.36 -18.80 -5.67
CA GLY A 67 13.68 -17.40 -5.42
C GLY A 67 12.42 -16.66 -4.97
N GLY A 68 12.47 -15.34 -5.10
CA GLY A 68 11.37 -14.49 -4.72
C GLY A 68 11.74 -13.11 -5.17
N TYR A 69 10.94 -12.12 -4.76
CA TYR A 69 11.32 -10.75 -5.05
C TYR A 69 11.79 -9.94 -3.83
N CYS A 70 11.73 -8.59 -3.93
CA CYS A 70 12.35 -7.72 -2.92
C CYS A 70 11.84 -8.01 -1.52
N TYR A 71 10.51 -8.13 -1.41
CA TYR A 71 9.88 -8.37 -0.13
C TYR A 71 10.30 -9.70 0.44
N GLU A 72 10.44 -10.71 -0.40
CA GLU A 72 10.88 -12.02 0.06
C GLU A 72 12.38 -12.07 0.37
N HIS A 73 13.19 -11.48 -0.50
CA HIS A 73 14.62 -11.48 -0.29
C HIS A 73 15.00 -10.66 0.97
N ASN A 74 14.53 -9.43 1.08
CA ASN A 74 14.97 -8.56 2.15
C ASN A 74 14.23 -8.87 3.46
N GLY A 75 13.01 -9.39 3.33
CA GLY A 75 12.30 -10.06 4.44
C GLY A 75 13.18 -11.14 5.06
N LEU A 76 13.46 -12.18 4.27
CA LEU A 76 14.37 -13.27 4.70
C LEU A 76 15.74 -12.85 5.25
N ILE A 77 16.53 -12.09 4.50
CA ILE A 77 17.90 -11.83 4.97
C ILE A 77 17.84 -10.91 6.19
N GLY A 78 16.75 -10.15 6.33
CA GLY A 78 16.48 -9.35 7.53
C GLY A 78 16.17 -10.13 8.82
N TYR A 79 15.44 -11.27 8.71
CA TYR A 79 15.14 -12.08 9.89
C TYR A 79 16.45 -12.76 10.35
N VAL A 80 17.30 -13.04 9.37
CA VAL A 80 18.54 -13.74 9.57
C VAL A 80 19.60 -12.89 10.29
N LEU A 81 19.85 -11.69 9.78
CA LEU A 81 20.80 -10.76 10.43
C LEU A 81 20.37 -10.38 11.86
N ALA A 82 19.09 -10.06 12.01
CA ALA A 82 18.51 -9.92 13.31
C ALA A 82 18.93 -11.10 14.22
N GLU A 83 18.82 -12.33 13.70
CA GLU A 83 19.09 -13.50 14.52
C GLU A 83 20.57 -13.56 14.88
N LEU A 84 21.42 -13.13 13.95
CA LEU A 84 22.86 -13.12 14.18
C LEU A 84 23.30 -12.01 15.12
N GLY A 85 22.44 -11.04 15.34
CA GLY A 85 22.68 -10.05 16.36
C GLY A 85 23.01 -8.72 15.73
N TYR A 86 22.77 -8.62 14.42
CA TYR A 86 22.66 -7.34 13.75
C TYR A 86 21.36 -6.63 14.16
N ARG A 87 21.35 -5.31 14.00
CA ARG A 87 20.17 -4.51 14.28
C ARG A 87 19.54 -4.03 12.95
N VAL A 88 18.33 -4.50 12.67
CA VAL A 88 17.73 -4.33 11.36
C VAL A 88 16.52 -3.39 11.38
N ARG A 89 16.56 -2.39 10.51
CA ARG A 89 15.42 -1.53 10.24
C ARG A 89 15.03 -1.73 8.78
N ARG A 90 13.74 -1.97 8.59
CA ARG A 90 13.18 -2.09 7.25
C ARG A 90 12.73 -0.71 6.72
N LEU A 91 13.11 -0.41 5.46
CA LEU A 91 12.74 0.82 4.78
C LEU A 91 11.97 0.48 3.50
N ALA A 92 11.22 1.46 3.02
CA ALA A 92 10.45 1.34 1.78
C ALA A 92 10.97 2.30 0.78
N GLY A 93 10.76 1.99 -0.50
CA GLY A 93 11.27 2.83 -1.58
C GLY A 93 10.45 2.79 -2.84
N ARG A 94 10.62 3.82 -3.69
CA ARG A 94 9.96 3.85 -4.97
C ARG A 94 11.00 3.52 -6.03
N VAL A 95 10.65 2.71 -7.01
CA VAL A 95 11.63 2.37 -8.05
C VAL A 95 11.63 3.37 -9.19
N VAL A 96 12.81 3.80 -9.63
CA VAL A 96 12.91 4.78 -10.70
C VAL A 96 13.90 4.38 -11.82
N TRP A 97 14.38 3.14 -11.73
CA TRP A 97 15.22 2.52 -12.73
C TRP A 97 14.67 2.66 -14.11
N LEU A 98 15.40 3.37 -14.97
CA LEU A 98 15.07 3.65 -16.37
C LEU A 98 13.78 4.46 -16.59
N ALA A 99 13.24 5.01 -15.51
CA ALA A 99 12.14 5.96 -15.60
C ALA A 99 12.52 7.15 -16.49
N PRO A 100 11.56 7.65 -17.31
CA PRO A 100 11.54 9.04 -17.81
C PRO A 100 11.73 10.15 -16.72
N PRO A 101 11.63 11.45 -17.07
CA PRO A 101 10.85 12.54 -17.67
C PRO A 101 9.33 12.45 -17.44
N ASP A 102 8.62 11.98 -18.46
CA ASP A 102 7.31 11.37 -18.35
C ASP A 102 6.81 10.96 -16.93
N ALA A 103 7.62 10.17 -16.21
CA ALA A 103 7.45 9.76 -14.77
C ALA A 103 6.15 10.09 -14.00
N PRO A 104 5.08 9.25 -14.15
CA PRO A 104 4.07 9.29 -13.08
C PRO A 104 4.77 8.82 -11.80
N THR A 105 4.64 9.58 -10.72
CA THR A 105 5.39 9.23 -9.51
C THR A 105 5.15 7.73 -9.19
N PRO A 106 6.23 6.98 -8.98
CA PRO A 106 6.05 5.56 -8.80
C PRO A 106 5.55 5.17 -7.41
N ALA A 107 4.90 4.02 -7.30
CA ALA A 107 4.42 3.51 -6.03
C ALA A 107 5.58 3.06 -5.15
N GLN A 108 5.36 2.99 -3.85
CA GLN A 108 6.37 2.41 -2.97
C GLN A 108 6.31 0.89 -3.04
N THR A 109 7.08 0.28 -3.93
CA THR A 109 6.93 -1.15 -4.21
C THR A 109 8.24 -1.84 -3.90
N HIS A 110 9.18 -1.10 -3.31
CA HIS A 110 10.45 -1.68 -2.90
C HIS A 110 10.69 -1.61 -1.41
N THR A 111 11.43 -2.61 -0.90
CA THR A 111 11.83 -2.62 0.49
C THR A 111 13.29 -2.94 0.59
N VAL A 112 13.99 -2.19 1.46
CA VAL A 112 15.43 -2.38 1.77
C VAL A 112 15.72 -2.30 3.27
N LEU A 113 16.99 -2.48 3.64
CA LEU A 113 17.37 -2.59 5.04
C LEU A 113 18.47 -1.62 5.44
N ALA A 114 18.31 -1.00 6.61
CA ALA A 114 19.38 -0.22 7.25
C ALA A 114 19.85 -1.04 8.41
N VAL A 115 21.12 -1.40 8.40
CA VAL A 115 21.66 -2.39 9.32
C VAL A 115 22.76 -1.74 10.10
N THR A 116 22.75 -1.98 11.41
CA THR A 116 23.88 -1.69 12.28
C THR A 116 24.34 -2.97 13.01
N PHE A 117 25.53 -2.88 13.58
CA PHE A 117 26.09 -3.97 14.35
C PHE A 117 27.13 -3.42 15.34
N PRO A 118 27.41 -4.15 16.45
CA PRO A 118 28.44 -3.76 17.46
C PRO A 118 29.74 -3.21 16.88
N GLY A 119 30.06 -1.94 17.24
CA GLY A 119 31.28 -1.26 16.78
C GLY A 119 31.36 -0.89 15.30
N CYS A 120 30.22 -0.94 14.59
CA CYS A 120 30.14 -0.58 13.18
C CYS A 120 30.43 0.89 12.97
N GLN A 121 30.93 1.24 11.77
CA GLN A 121 31.35 2.62 11.48
C GLN A 121 30.19 3.57 11.05
N GLY A 122 28.96 3.06 11.14
CA GLY A 122 27.75 3.79 10.82
C GLY A 122 26.79 2.76 10.27
N PRO A 123 25.57 3.19 9.88
CA PRO A 123 24.65 2.23 9.27
C PRO A 123 25.11 1.78 7.87
N TYR A 124 24.61 0.61 7.44
CA TYR A 124 24.84 0.08 6.10
C TYR A 124 23.51 -0.21 5.40
N LEU A 125 23.47 -0.13 4.08
CA LEU A 125 22.27 -0.44 3.34
C LEU A 125 22.41 -1.84 2.83
N VAL A 126 21.38 -2.66 3.09
CA VAL A 126 21.36 -4.04 2.56
C VAL A 126 20.16 -4.23 1.64
N ASP A 127 20.43 -4.68 0.42
CA ASP A 127 19.40 -4.86 -0.58
C ASP A 127 19.80 -6.07 -1.43
N VAL A 128 19.34 -7.23 -1.03
CA VAL A 128 19.59 -8.42 -1.82
C VAL A 128 18.40 -8.73 -2.75
N GLY A 129 17.39 -7.85 -2.77
CA GLY A 129 16.18 -8.11 -3.52
C GLY A 129 15.81 -7.16 -4.63
N PHE A 130 16.69 -6.30 -5.12
CA PHE A 130 16.29 -5.43 -6.25
C PHE A 130 16.14 -6.13 -7.59
N GLY A 131 16.89 -7.21 -7.79
CA GLY A 131 16.88 -7.92 -9.06
C GLY A 131 18.13 -7.58 -9.84
N GLY A 132 17.95 -7.27 -11.12
CA GLY A 132 19.09 -7.04 -12.00
C GLY A 132 20.19 -6.13 -11.49
N MET A 133 19.87 -5.17 -10.63
CA MET A 133 20.88 -4.21 -10.25
C MET A 133 21.13 -4.23 -8.77
N THR A 134 20.80 -5.32 -8.11
CA THR A 134 20.93 -5.28 -6.69
C THR A 134 22.40 -5.11 -6.24
N PRO A 135 22.65 -4.28 -5.22
CA PRO A 135 24.04 -4.24 -4.79
C PRO A 135 24.40 -5.57 -4.06
N THR A 136 25.54 -6.15 -4.42
CA THR A 136 25.91 -7.47 -3.90
C THR A 136 26.95 -7.28 -2.79
N ALA A 137 26.94 -6.09 -2.20
CA ALA A 137 27.69 -5.81 -0.98
C ALA A 137 26.85 -4.88 -0.11
N PRO A 138 27.03 -4.91 1.23
CA PRO A 138 26.39 -3.88 2.04
C PRO A 138 27.04 -2.55 1.68
N LEU A 139 26.27 -1.48 1.62
CA LEU A 139 26.87 -0.18 1.27
C LEU A 139 26.81 0.71 2.50
N ARG A 140 27.76 1.60 2.67
CA ARG A 140 27.67 2.50 3.84
C ARG A 140 26.51 3.43 3.60
N LEU A 141 25.64 3.58 4.61
CA LEU A 141 24.54 4.53 4.48
C LEU A 141 25.04 5.97 4.53
N GLU A 142 25.84 6.36 3.56
CA GLU A 142 26.36 7.72 3.50
C GLU A 142 26.31 8.25 2.08
N THR A 143 26.01 9.54 2.01
CA THR A 143 25.83 10.26 0.78
C THR A 143 27.19 10.68 0.22
N GLY A 144 27.28 10.81 -1.10
CA GLY A 144 28.47 11.38 -1.74
C GLY A 144 29.57 10.40 -2.10
N THR A 145 29.79 9.38 -1.26
CA THR A 145 30.87 8.43 -1.49
C THR A 145 30.57 7.46 -2.63
N VAL A 146 31.50 7.32 -3.58
CA VAL A 146 31.42 6.25 -4.59
C VAL A 146 31.94 4.92 -4.01
N GLN A 147 31.07 3.91 -4.02
CA GLN A 147 31.37 2.63 -3.36
C GLN A 147 31.46 1.45 -4.31
N GLN A 148 32.64 0.82 -4.32
CA GLN A 148 32.96 -0.28 -5.23
C GLN A 148 32.33 -1.57 -4.71
N THR A 149 31.98 -2.45 -5.64
CA THR A 149 31.57 -3.82 -5.28
C THR A 149 32.34 -4.78 -6.18
N ALA A 150 32.08 -6.08 -6.02
CA ALA A 150 32.57 -7.14 -6.90
C ALA A 150 32.12 -6.90 -8.36
N LEU A 151 31.02 -6.18 -8.51
CA LEU A 151 30.51 -5.84 -9.84
C LEU A 151 30.51 -4.33 -10.01
N GLU A 152 29.35 -3.72 -10.23
CA GLU A 152 29.29 -2.28 -10.52
C GLU A 152 29.48 -1.37 -9.28
N PRO A 153 29.89 -0.09 -9.47
CA PRO A 153 29.94 0.86 -8.36
C PRO A 153 28.58 1.51 -8.01
N TYR A 154 28.45 1.88 -6.73
CA TYR A 154 27.25 2.49 -6.16
C TYR A 154 27.46 3.87 -5.53
N ARG A 155 26.44 4.71 -5.54
CA ARG A 155 26.50 6.02 -4.91
C ARG A 155 25.13 6.39 -4.30
N LEU A 156 25.13 6.92 -3.08
CA LEU A 156 23.92 7.46 -2.45
C LEU A 156 23.88 8.98 -2.52
N ASP A 157 22.78 9.57 -2.96
CA ASP A 157 22.61 11.03 -2.98
C ASP A 157 21.34 11.47 -2.28
N ASP A 158 21.33 12.73 -1.85
CA ASP A 158 20.15 13.34 -1.23
C ASP A 158 19.07 13.61 -2.27
N ARG A 159 17.85 13.24 -1.93
CA ARG A 159 16.68 13.52 -2.79
C ARG A 159 15.47 13.47 -1.87
N GLY A 160 14.73 14.58 -1.77
CA GLY A 160 13.82 14.75 -0.64
C GLY A 160 14.73 15.23 0.48
N ASP A 161 14.51 14.88 1.76
CA ASP A 161 13.52 13.98 2.33
C ASP A 161 14.02 12.53 2.41
N GLY A 162 14.68 12.05 1.36
CA GLY A 162 15.20 10.70 1.38
C GLY A 162 16.55 10.60 0.74
N LEU A 163 16.84 9.42 0.19
CA LEU A 163 18.04 9.19 -0.57
C LEU A 163 17.62 8.57 -1.90
N VAL A 164 18.55 8.60 -2.86
CA VAL A 164 18.46 7.80 -4.07
C VAL A 164 19.74 6.98 -4.17
N LEU A 165 19.60 5.71 -4.51
CA LEU A 165 20.74 4.87 -4.78
C LEU A 165 20.97 4.90 -6.26
N GLN A 166 22.20 5.17 -6.68
CA GLN A 166 22.50 5.08 -8.10
C GLN A 166 23.61 4.08 -8.29
N ALA A 167 23.73 3.58 -9.51
CA ALA A 167 24.87 2.74 -9.87
C ALA A 167 25.32 3.16 -11.24
N MET A 168 26.64 3.11 -11.45
CA MET A 168 27.23 3.29 -12.78
C MET A 168 26.94 2.05 -13.61
N VAL A 169 26.19 2.22 -14.68
CA VAL A 169 26.07 1.14 -15.64
C VAL A 169 26.46 1.66 -17.00
N ARG A 170 27.45 0.98 -17.61
CA ARG A 170 28.18 1.45 -18.79
C ARG A 170 28.93 2.75 -18.46
N ASP A 171 28.52 3.87 -19.02
CA ASP A 171 29.27 5.13 -18.83
C ASP A 171 28.40 6.22 -18.24
N GLU A 172 27.45 5.83 -17.39
CA GLU A 172 26.50 6.74 -16.78
C GLU A 172 26.12 6.30 -15.38
N TRP A 173 25.90 7.26 -14.51
CA TRP A 173 25.21 6.96 -13.29
C TRP A 173 23.69 6.82 -13.55
N GLN A 174 23.12 5.68 -13.18
CA GLN A 174 21.67 5.44 -13.29
C GLN A 174 21.01 5.27 -11.92
N ALA A 175 19.88 5.94 -11.74
CA ALA A 175 19.14 5.92 -10.50
C ALA A 175 18.34 4.63 -10.44
N LEU A 176 18.34 4.01 -9.26
CA LEU A 176 17.71 2.74 -9.05
C LEU A 176 16.34 2.88 -8.34
N TYR A 177 16.37 3.44 -7.12
CA TYR A 177 15.15 3.69 -6.34
C TYR A 177 15.39 4.85 -5.39
N GLU A 178 14.30 5.53 -4.99
CA GLU A 178 14.35 6.58 -3.94
C GLU A 178 13.72 6.03 -2.66
N PHE A 179 14.24 6.47 -1.50
CA PHE A 179 13.77 5.94 -0.21
C PHE A 179 13.96 6.83 1.01
N SER A 180 13.05 6.72 1.96
CA SER A 180 13.19 7.30 3.28
C SER A 180 14.02 6.43 4.21
N THR A 181 14.81 7.04 5.08
CA THR A 181 15.49 6.26 6.10
C THR A 181 14.57 5.92 7.30
N LEU A 182 13.33 6.41 7.31
CA LEU A 182 12.31 6.04 8.34
C LEU A 182 11.92 4.54 8.38
N THR A 183 11.85 3.95 9.57
CA THR A 183 11.47 2.54 9.74
C THR A 183 10.02 2.44 9.35
N ARG A 184 9.67 1.41 8.58
CA ARG A 184 8.28 1.14 8.18
C ARG A 184 7.83 -0.14 8.87
N PRO A 185 6.59 -0.15 9.39
CA PRO A 185 6.02 -1.36 10.01
C PRO A 185 5.72 -2.41 8.96
N GLN A 186 5.90 -3.66 9.38
CA GLN A 186 5.69 -4.87 8.58
C GLN A 186 4.44 -4.78 7.74
N VAL A 187 3.39 -4.21 8.34
CA VAL A 187 2.09 -4.16 7.68
C VAL A 187 2.09 -3.30 6.39
N ASP A 188 2.93 -2.27 6.35
CA ASP A 188 3.05 -1.45 5.17
C ASP A 188 3.76 -2.26 4.12
N LEU A 189 4.69 -3.09 4.54
CA LEU A 189 5.42 -3.93 3.60
C LEU A 189 4.44 -4.91 2.97
N ARG A 190 3.59 -5.47 3.82
CA ARG A 190 2.62 -6.43 3.30
C ARG A 190 1.63 -5.79 2.32
N VAL A 191 1.15 -4.59 2.63
CA VAL A 191 0.26 -3.85 1.68
C VAL A 191 0.95 -3.61 0.32
N GLY A 192 2.21 -3.18 0.38
CA GLY A 192 3.03 -2.96 -0.82
C GLY A 192 3.18 -4.25 -1.61
N SER A 193 3.51 -5.34 -0.91
CA SER A 193 3.56 -6.65 -1.58
C SER A 193 2.26 -7.10 -2.22
N TRP A 194 1.14 -6.83 -1.56
CA TRP A 194 -0.15 -7.22 -2.14
C TRP A 194 -0.32 -6.52 -3.46
N PHE A 195 0.01 -5.23 -3.49
CA PHE A 195 -0.15 -4.43 -4.69
C PHE A 195 0.66 -4.98 -5.87
N VAL A 196 1.93 -5.16 -5.63
CA VAL A 196 2.88 -5.58 -6.65
C VAL A 196 2.55 -6.99 -7.16
N SER A 197 2.08 -7.86 -6.27
CA SER A 197 1.77 -9.25 -6.66
C SER A 197 0.36 -9.52 -7.19
N THR A 198 -0.54 -8.55 -7.10
CA THR A 198 -1.94 -8.81 -7.54
C THR A 198 -2.53 -7.76 -8.48
N HIS A 199 -1.94 -6.55 -8.51
CA HIS A 199 -2.52 -5.51 -9.32
C HIS A 199 -2.36 -5.87 -10.79
N PRO A 200 -3.48 -5.94 -11.52
CA PRO A 200 -3.44 -6.48 -12.87
C PRO A 200 -2.61 -5.65 -13.89
N THR A 201 -2.17 -4.46 -13.53
CA THR A 201 -1.23 -3.83 -14.43
C THR A 201 0.21 -3.89 -13.92
N SER A 202 0.42 -4.63 -12.83
CA SER A 202 1.77 -4.82 -12.33
C SER A 202 2.64 -5.68 -13.24
N HIS A 203 3.85 -5.17 -13.47
CA HIS A 203 4.82 -5.83 -14.33
C HIS A 203 5.24 -7.13 -13.73
N PHE A 204 5.11 -7.28 -12.41
CA PHE A 204 5.33 -8.57 -11.77
C PHE A 204 4.20 -9.56 -11.97
N VAL A 205 3.05 -9.10 -12.48
CA VAL A 205 1.92 -9.98 -12.76
C VAL A 205 1.90 -10.31 -14.24
N THR A 206 2.39 -9.40 -15.09
CA THR A 206 2.13 -9.56 -16.53
C THR A 206 3.31 -10.02 -17.39
N GLY A 207 4.50 -10.07 -16.79
CA GLY A 207 5.67 -10.63 -17.43
C GLY A 207 6.54 -11.47 -16.47
N LEU A 208 7.61 -12.03 -17.06
CA LEU A 208 8.54 -12.88 -16.33
C LEU A 208 9.83 -12.13 -16.13
N MET A 209 10.36 -12.19 -14.94
CA MET A 209 11.64 -11.56 -14.65
C MET A 209 12.40 -12.43 -13.68
N ALA A 210 13.68 -12.60 -13.95
CA ALA A 210 14.59 -13.32 -13.10
C ALA A 210 15.96 -12.62 -13.15
N ALA A 211 16.70 -12.74 -12.06
CA ALA A 211 18.07 -12.22 -11.98
C ALA A 211 18.90 -13.08 -11.02
N THR A 212 20.16 -13.32 -11.36
CA THR A 212 21.07 -13.90 -10.40
C THR A 212 22.48 -13.45 -10.76
N VAL A 213 23.47 -13.92 -10.00
CA VAL A 213 24.86 -13.51 -10.15
C VAL A 213 25.69 -14.79 -10.12
N ALA A 214 26.35 -15.11 -11.22
CA ALA A 214 27.17 -16.32 -11.36
C ALA A 214 28.41 -15.92 -12.11
N ASP A 215 29.54 -16.34 -11.60
CA ASP A 215 30.69 -15.46 -11.63
C ASP A 215 31.22 -15.06 -13.01
N ASP A 216 31.66 -13.81 -13.14
CA ASP A 216 31.42 -12.76 -12.13
C ASP A 216 30.47 -11.81 -12.80
N ALA A 217 29.23 -12.25 -12.96
CA ALA A 217 28.33 -11.54 -13.86
C ALA A 217 26.84 -11.55 -13.47
N ARG A 218 26.14 -10.52 -13.95
CA ARG A 218 24.70 -10.41 -13.78
C ARG A 218 24.14 -11.23 -14.89
N TRP A 219 23.23 -12.15 -14.54
CA TRP A 219 22.40 -12.92 -15.49
C TRP A 219 20.97 -12.43 -15.30
N ASN A 220 20.45 -11.76 -16.31
CA ASN A 220 19.17 -11.09 -16.24
C ASN A 220 18.21 -11.72 -17.21
N LEU A 221 17.01 -12.06 -16.76
CA LEU A 221 16.00 -12.62 -17.63
C LEU A 221 14.78 -11.76 -17.63
N MET A 222 14.34 -11.38 -18.80
CA MET A 222 13.19 -10.56 -18.95
C MET A 222 12.46 -11.15 -20.13
N GLY A 223 11.42 -11.93 -19.87
CA GLY A 223 10.68 -12.58 -20.91
C GLY A 223 11.53 -13.72 -21.44
N ARG A 224 11.72 -13.75 -22.75
CA ARG A 224 12.57 -14.77 -23.32
C ARG A 224 13.95 -14.23 -23.70
N ASN A 225 14.25 -13.04 -23.20
CA ASN A 225 15.55 -12.40 -23.40
C ASN A 225 16.43 -12.60 -22.21
N LEU A 226 17.60 -13.18 -22.44
CA LEU A 226 18.53 -13.40 -21.37
C LEU A 226 19.70 -12.50 -21.66
N ALA A 227 20.04 -11.61 -20.72
CA ALA A 227 21.25 -10.78 -20.86
C ALA A 227 22.27 -11.14 -19.78
N ILE A 228 23.54 -11.17 -20.20
CA ILE A 228 24.67 -11.53 -19.33
C ILE A 228 25.65 -10.37 -19.39
N HIS A 229 25.75 -9.67 -18.28
CA HIS A 229 26.66 -8.54 -18.14
C HIS A 229 27.91 -8.94 -17.37
N ARG A 230 28.99 -9.17 -18.08
CA ARG A 230 30.23 -9.48 -17.41
C ARG A 230 31.17 -8.34 -17.72
N ARG A 231 31.80 -7.79 -16.69
CA ARG A 231 32.71 -6.63 -16.84
C ARG A 231 32.16 -5.60 -17.85
N GLY A 232 30.89 -5.20 -17.63
CA GLY A 232 30.15 -4.22 -18.46
C GLY A 232 29.58 -4.70 -19.82
N GLY A 233 30.31 -5.63 -20.45
CA GLY A 233 29.93 -6.25 -21.74
C GLY A 233 28.64 -7.06 -21.63
N THR A 234 27.75 -6.85 -22.58
CA THR A 234 26.46 -7.49 -22.56
C THR A 234 26.43 -8.56 -23.66
N GLU A 235 26.21 -9.81 -23.25
CA GLU A 235 25.92 -10.91 -24.16
C GLU A 235 24.40 -11.23 -24.12
N LYS A 236 23.78 -11.43 -25.29
CA LYS A 236 22.32 -11.60 -25.41
C LYS A 236 21.89 -12.96 -25.96
N ILE A 237 20.92 -13.59 -25.31
CA ILE A 237 20.41 -14.88 -25.72
C ILE A 237 18.89 -14.85 -25.81
N LEU A 238 18.39 -15.20 -26.97
CA LEU A 238 16.98 -15.22 -27.23
C LEU A 238 16.56 -16.65 -27.09
N LEU A 239 15.78 -16.94 -26.05
CA LEU A 239 15.32 -18.30 -25.79
C LEU A 239 14.23 -18.69 -26.82
N GLU A 240 14.31 -19.90 -27.37
CA GLU A 240 13.54 -20.29 -28.58
C GLU A 240 12.06 -20.61 -28.37
N ASP A 241 11.74 -21.10 -27.17
CA ASP A 241 10.40 -21.53 -26.82
C ASP A 241 10.29 -21.53 -25.29
N ALA A 242 9.06 -21.71 -24.78
CA ALA A 242 8.76 -21.81 -23.33
C ALA A 242 9.48 -22.94 -22.59
N ALA A 243 9.65 -24.09 -23.25
CA ALA A 243 10.40 -25.20 -22.67
C ALA A 243 11.82 -24.74 -22.36
N ALA A 244 12.48 -24.12 -23.33
CA ALA A 244 13.78 -23.48 -23.12
C ALA A 244 13.87 -22.49 -21.94
N VAL A 245 12.82 -21.72 -21.72
CA VAL A 245 12.84 -20.69 -20.67
C VAL A 245 12.71 -21.34 -19.31
N VAL A 246 11.90 -22.38 -19.24
CA VAL A 246 11.69 -23.14 -18.01
C VAL A 246 12.98 -23.87 -17.65
N ASP A 247 13.63 -24.44 -18.66
CA ASP A 247 14.93 -25.09 -18.46
C ASP A 247 16.00 -24.12 -17.93
N THR A 248 16.00 -22.89 -18.44
CA THR A 248 16.94 -21.88 -18.04
C THR A 248 16.71 -21.44 -16.60
N LEU A 249 15.43 -21.33 -16.25
CA LEU A 249 15.04 -20.98 -14.90
C LEU A 249 15.51 -22.04 -13.92
N GLY A 250 15.54 -23.30 -14.38
CA GLY A 250 15.93 -24.42 -13.55
C GLY A 250 17.42 -24.61 -13.46
N ASP A 251 18.12 -24.61 -14.60
CA ASP A 251 19.60 -24.78 -14.58
C ASP A 251 20.22 -23.47 -14.12
N ARG A 252 20.39 -22.56 -15.07
CA ARG A 252 20.95 -21.21 -14.83
C ARG A 252 20.51 -20.50 -13.55
N PHE A 253 19.21 -20.30 -13.37
CA PHE A 253 18.76 -19.49 -12.23
C PHE A 253 18.58 -20.31 -10.95
N GLY A 254 18.74 -21.63 -11.10
CA GLY A 254 18.79 -22.55 -9.98
C GLY A 254 17.50 -22.57 -9.18
N ILE A 255 16.40 -22.25 -9.85
CA ILE A 255 15.04 -22.26 -9.27
C ILE A 255 14.38 -23.65 -9.34
N ASN A 256 13.70 -24.03 -8.26
CA ASN A 256 12.96 -25.26 -8.24
C ASN A 256 11.62 -25.14 -8.94
N VAL A 257 11.62 -25.36 -10.26
CA VAL A 257 10.43 -25.11 -11.05
C VAL A 257 9.29 -26.06 -10.80
N ALA A 258 9.56 -27.28 -10.34
CA ALA A 258 8.46 -28.22 -10.12
C ALA A 258 7.62 -27.74 -8.92
N ASP A 259 8.19 -26.89 -8.07
CA ASP A 259 7.44 -26.35 -6.93
C ASP A 259 6.28 -25.47 -7.36
N VAL A 260 6.23 -25.15 -8.65
CA VAL A 260 5.22 -24.23 -9.23
C VAL A 260 3.82 -24.81 -9.64
N GLY A 261 3.64 -26.08 -9.92
CA GLY A 261 4.67 -27.00 -10.26
C GLY A 261 4.05 -28.09 -11.10
N GLU A 262 3.25 -27.68 -12.08
CA GLU A 262 2.88 -28.58 -13.17
C GLU A 262 3.47 -27.90 -14.37
N ARG A 263 4.44 -28.57 -15.00
CA ARG A 263 5.30 -27.90 -15.95
C ARG A 263 4.56 -27.45 -17.20
N GLY A 264 3.49 -28.15 -17.57
CA GLY A 264 2.63 -27.74 -18.68
C GLY A 264 1.97 -26.40 -18.45
N ARG A 265 1.64 -26.11 -17.19
CA ARG A 265 0.87 -24.92 -16.83
C ARG A 265 1.74 -23.66 -16.77
N LEU A 266 2.92 -23.83 -16.18
CA LEU A 266 3.98 -22.85 -16.24
C LEU A 266 4.39 -22.55 -17.69
N GLU A 267 4.48 -23.57 -18.55
CA GLU A 267 4.90 -23.38 -19.94
C GLU A 267 3.91 -22.55 -20.76
N ALA A 268 2.62 -22.78 -20.57
CA ALA A 268 1.61 -21.97 -21.27
C ALA A 268 1.49 -20.55 -20.70
N ARG A 269 1.73 -20.34 -19.41
CA ARG A 269 1.75 -18.95 -18.95
C ARG A 269 2.91 -18.25 -19.59
N ILE A 270 4.10 -18.87 -19.52
CA ILE A 270 5.28 -18.38 -20.20
C ILE A 270 5.01 -18.15 -21.68
N ASP A 271 4.40 -19.10 -22.37
CA ASP A 271 4.06 -18.92 -23.78
C ASP A 271 3.13 -17.72 -24.05
N LYS A 272 2.11 -17.56 -23.23
CA LYS A 272 1.22 -16.40 -23.36
C LYS A 272 1.99 -15.08 -23.16
N VAL A 273 2.99 -15.13 -22.30
CA VAL A 273 3.45 -13.92 -21.67
C VAL A 273 4.44 -12.95 -22.37
N CYS A 274 5.10 -13.27 -23.48
CA CYS A 274 6.33 -14.05 -23.49
C CYS A 274 7.34 -14.07 -24.64
N PHE A 275 7.04 -14.33 -25.92
CA PHE A 275 5.97 -15.12 -26.58
C PHE A 275 4.57 -14.57 -26.88
N ASP B 4 -20.07 18.92 -13.77
CA ASP B 4 -18.72 18.72 -13.12
C ASP B 4 -18.75 19.27 -11.70
N LEU B 5 -18.82 20.59 -11.53
CA LEU B 5 -18.91 21.13 -10.19
C LEU B 5 -20.29 21.69 -9.86
N THR B 6 -21.06 22.06 -10.89
CA THR B 6 -22.47 22.32 -10.68
C THR B 6 -23.23 21.02 -10.48
N GLY B 7 -22.75 19.95 -11.10
CA GLY B 7 -23.30 18.61 -10.88
C GLY B 7 -23.18 18.14 -9.44
N TYR B 8 -22.00 18.29 -8.85
CA TYR B 8 -21.81 17.93 -7.45
C TYR B 8 -22.52 18.85 -6.48
N LEU B 9 -22.50 20.16 -6.75
CA LEU B 9 -23.24 21.07 -5.88
C LEU B 9 -24.75 20.77 -5.93
N ASP B 10 -25.22 20.34 -7.10
CA ASP B 10 -26.62 19.94 -7.20
C ASP B 10 -26.86 18.65 -6.41
N ARG B 11 -25.83 17.81 -6.31
CA ARG B 11 -26.00 16.51 -5.66
C ARG B 11 -26.13 16.66 -4.15
N ILE B 12 -25.32 17.54 -3.58
CA ILE B 12 -25.27 17.66 -2.16
C ILE B 12 -26.28 18.67 -1.70
N ASN B 13 -27.01 19.26 -2.66
CA ASN B 13 -28.02 20.30 -2.38
C ASN B 13 -27.48 21.58 -1.71
N TYR B 14 -26.31 22.00 -2.13
CA TYR B 14 -25.74 23.21 -1.61
C TYR B 14 -26.27 24.45 -2.34
N GLY B 16 -26.07 28.61 -1.52
CA GLY B 16 -24.83 29.04 -0.84
C GLY B 16 -23.72 29.56 -1.77
N ALA B 17 -22.97 30.53 -1.29
CA ALA B 17 -21.86 31.11 -2.07
C ALA B 17 -20.77 30.07 -2.30
N THR B 18 -19.85 30.33 -3.23
CA THR B 18 -18.79 29.35 -3.53
C THR B 18 -17.36 29.86 -3.30
N ASP B 19 -17.22 30.97 -2.57
CA ASP B 19 -15.92 31.55 -2.23
C ASP B 19 -15.17 30.67 -1.23
N PRO B 20 -13.84 30.52 -1.40
CA PRO B 20 -12.97 29.75 -0.51
C PRO B 20 -12.86 30.39 0.89
N THR B 21 -13.86 30.15 1.74
CA THR B 21 -13.96 30.81 3.04
C THR B 21 -14.26 29.74 4.07
N LEU B 22 -14.22 30.11 5.35
CA LEU B 22 -14.53 29.17 6.40
C LEU B 22 -15.99 28.71 6.34
N ASP B 23 -16.90 29.68 6.24
CA ASP B 23 -18.33 29.40 6.24
C ASP B 23 -18.75 28.49 5.17
N VAL B 24 -18.16 28.65 3.99
CA VAL B 24 -18.45 27.82 2.83
C VAL B 24 -17.92 26.42 3.16
N LEU B 25 -16.69 26.32 3.68
CA LEU B 25 -16.11 25.00 4.03
C LEU B 25 -17.02 24.29 5.04
N ARG B 26 -17.44 25.02 6.07
CA ARG B 26 -18.41 24.51 7.04
C ARG B 26 -19.66 23.99 6.35
N ASP B 27 -20.27 24.83 5.52
CA ASP B 27 -21.50 24.46 4.83
C ASP B 27 -21.37 23.34 3.80
N LEU B 28 -20.20 23.20 3.16
CA LEU B 28 -20.03 22.20 2.13
C LEU B 28 -19.88 20.87 2.79
N VAL B 29 -19.09 20.84 3.85
CA VAL B 29 -18.87 19.60 4.64
C VAL B 29 -20.17 19.08 5.25
N SER B 30 -21.08 20.02 5.57
CA SER B 30 -22.35 19.68 6.16
C SER B 30 -23.26 19.06 5.12
N ALA B 31 -23.32 19.69 3.95
CA ALA B 31 -24.16 19.24 2.87
C ALA B 31 -23.65 17.88 2.38
N HIS B 32 -22.34 17.73 2.29
CA HIS B 32 -21.81 16.56 1.65
C HIS B 32 -22.09 15.37 2.56
N THR B 33 -21.74 15.48 3.83
CA THR B 33 -22.01 14.41 4.79
C THR B 33 -23.53 14.11 4.94
N GLY B 34 -24.40 15.06 4.60
CA GLY B 34 -25.83 14.83 4.76
C GLY B 34 -26.48 14.24 3.50
N ALA B 35 -25.70 14.04 2.44
CA ALA B 35 -26.27 13.67 1.15
C ALA B 35 -25.66 12.40 0.62
N ILE B 36 -24.34 12.26 0.77
CA ILE B 36 -23.61 11.12 0.20
C ILE B 36 -23.07 10.14 1.26
N ALA B 37 -23.73 8.97 1.31
CA ALA B 37 -23.47 7.88 2.25
C ALA B 37 -22.07 7.37 2.17
N PHE B 38 -21.56 6.91 3.29
CA PHE B 38 -20.44 5.99 3.34
C PHE B 38 -21.07 4.63 3.10
N GLU B 39 -20.36 3.78 2.40
CA GLU B 39 -20.92 2.60 1.74
C GLU B 39 -19.74 1.81 1.09
N ASN B 40 -19.79 0.50 1.20
CA ASN B 40 -18.76 -0.35 0.65
C ASN B 40 -19.34 -1.40 -0.27
N LEU B 41 -20.41 -1.06 -0.99
CA LEU B 41 -21.06 -2.07 -1.82
C LEU B 41 -20.15 -2.58 -2.97
N ASP B 42 -19.29 -1.73 -3.50
CA ASP B 42 -18.42 -2.20 -4.55
C ASP B 42 -17.49 -3.33 -4.08
N PRO B 43 -16.62 -3.08 -3.06
CA PRO B 43 -15.75 -4.15 -2.50
C PRO B 43 -16.53 -5.35 -1.92
N LEU B 44 -17.70 -5.07 -1.34
CA LEU B 44 -18.57 -6.14 -0.90
C LEU B 44 -18.95 -7.05 -2.07
N MET B 45 -19.21 -6.46 -3.24
CA MET B 45 -19.61 -7.20 -4.44
C MET B 45 -18.44 -7.67 -5.28
N GLY B 46 -17.21 -7.39 -4.83
CA GLY B 46 -16.03 -7.91 -5.50
C GLY B 46 -15.47 -7.01 -6.57
N VAL B 47 -15.86 -5.73 -6.53
CA VAL B 47 -15.44 -4.69 -7.47
C VAL B 47 -14.39 -3.85 -6.73
N PRO B 48 -13.14 -3.82 -7.22
CA PRO B 48 -12.13 -2.99 -6.55
C PRO B 48 -12.49 -1.54 -6.63
N VAL B 49 -11.91 -0.75 -5.74
CA VAL B 49 -11.91 0.70 -5.83
C VAL B 49 -10.48 1.12 -6.17
N ASP B 50 -10.26 1.40 -7.45
CA ASP B 50 -8.91 1.51 -8.02
C ASP B 50 -8.68 2.87 -8.68
N ASP B 51 -9.71 3.46 -9.29
CA ASP B 51 -9.49 4.66 -10.11
C ASP B 51 -9.87 5.83 -9.25
N LEU B 52 -8.87 6.54 -8.71
CA LEU B 52 -9.13 7.61 -7.74
C LEU B 52 -9.11 9.03 -8.33
N SER B 53 -9.23 9.09 -9.66
CA SER B 53 -9.27 10.34 -10.39
C SER B 53 -10.59 11.10 -10.23
N ALA B 54 -10.53 12.40 -10.48
CA ALA B 54 -11.72 13.24 -10.48
C ALA B 54 -12.84 12.64 -11.33
N GLU B 55 -12.52 12.26 -12.57
CA GLU B 55 -13.55 11.84 -13.52
C GLU B 55 -14.27 10.60 -12.98
N ALA B 56 -13.49 9.72 -12.36
CA ALA B 56 -14.00 8.44 -11.92
C ALA B 56 -14.86 8.53 -10.65
N LEU B 57 -14.41 9.31 -9.67
CA LEU B 57 -15.16 9.53 -8.42
C LEU B 57 -16.41 10.39 -8.60
N ALA B 58 -16.31 11.46 -9.39
CA ALA B 58 -17.50 12.24 -9.78
C ALA B 58 -18.58 11.37 -10.46
N ASP B 59 -18.15 10.48 -11.35
CA ASP B 59 -19.05 9.54 -12.02
C ASP B 59 -19.88 8.74 -11.01
N LYS B 60 -19.18 8.14 -10.05
CA LYS B 60 -19.79 7.26 -9.07
C LYS B 60 -20.66 8.00 -8.03
N LEU B 61 -20.05 8.96 -7.34
CA LEU B 61 -20.72 9.60 -6.23
C LEU B 61 -21.64 10.73 -6.61
N VAL B 62 -21.45 11.31 -7.79
CA VAL B 62 -22.41 12.26 -8.29
C VAL B 62 -23.37 11.62 -9.32
N ASP B 63 -22.89 11.31 -10.52
CA ASP B 63 -23.84 10.94 -11.58
C ASP B 63 -24.54 9.64 -11.30
N ARG B 64 -23.83 8.70 -10.70
CA ARG B 64 -24.45 7.40 -10.51
C ARG B 64 -25.24 7.34 -9.20
N ARG B 65 -25.18 8.41 -8.39
CA ARG B 65 -25.90 8.52 -7.11
C ARG B 65 -25.57 7.38 -6.13
N ARG B 66 -24.31 6.96 -6.10
CA ARG B 66 -23.82 6.00 -5.12
C ARG B 66 -23.05 6.73 -4.07
N GLY B 67 -22.70 6.03 -3.00
CA GLY B 67 -21.85 6.56 -1.93
C GLY B 67 -20.53 5.90 -2.16
N GLY B 68 -19.68 5.80 -1.13
CA GLY B 68 -18.33 5.25 -1.29
C GLY B 68 -17.57 5.29 0.01
N TYR B 69 -16.27 4.98 0.02
CA TYR B 69 -15.55 5.02 1.28
C TYR B 69 -14.49 6.11 1.37
N CYS B 70 -13.56 6.02 2.33
CA CYS B 70 -12.70 7.18 2.57
C CYS B 70 -12.04 7.69 1.30
N TYR B 71 -11.40 6.80 0.53
CA TYR B 71 -10.71 7.24 -0.67
C TYR B 71 -11.60 7.95 -1.71
N GLU B 72 -12.86 7.53 -1.78
CA GLU B 72 -13.80 8.08 -2.73
C GLU B 72 -14.36 9.40 -2.23
N HIS B 73 -14.69 9.44 -0.93
CA HIS B 73 -15.32 10.60 -0.33
C HIS B 73 -14.35 11.79 -0.27
N ASN B 74 -13.20 11.56 0.34
CA ASN B 74 -12.23 12.62 0.49
C ASN B 74 -11.43 12.90 -0.81
N GLY B 75 -11.53 12.00 -1.79
CA GLY B 75 -10.98 12.26 -3.12
C GLY B 75 -11.79 13.36 -3.76
N LEU B 76 -13.09 13.13 -3.79
CA LEU B 76 -14.04 13.96 -4.48
C LEU B 76 -14.11 15.36 -3.85
N ILE B 77 -14.23 15.42 -2.51
CA ILE B 77 -14.33 16.72 -1.88
C ILE B 77 -13.00 17.49 -1.97
N GLY B 78 -11.87 16.81 -2.02
CA GLY B 78 -10.60 17.48 -2.25
C GLY B 78 -10.53 18.11 -3.64
N TYR B 79 -11.02 17.40 -4.66
CA TYR B 79 -10.96 17.96 -6.00
C TYR B 79 -11.87 19.18 -6.02
N VAL B 80 -13.02 19.08 -5.36
CA VAL B 80 -13.94 20.21 -5.35
C VAL B 80 -13.32 21.43 -4.67
N LEU B 81 -12.88 21.26 -3.44
CA LEU B 81 -12.26 22.37 -2.73
C LEU B 81 -11.11 23.03 -3.53
N ALA B 82 -10.32 22.22 -4.22
CA ALA B 82 -9.18 22.77 -4.93
C ALA B 82 -9.62 23.62 -6.14
N GLU B 83 -10.72 23.19 -6.77
CA GLU B 83 -11.41 23.96 -7.81
C GLU B 83 -11.87 25.31 -7.36
N LEU B 84 -12.22 25.40 -6.08
CA LEU B 84 -12.83 26.62 -5.58
C LEU B 84 -11.79 27.61 -5.06
N GLY B 85 -10.52 27.19 -5.01
CA GLY B 85 -9.45 28.10 -4.60
C GLY B 85 -8.87 27.73 -3.24
N TYR B 86 -9.47 26.72 -2.61
CA TYR B 86 -8.89 26.12 -1.39
C TYR B 86 -7.56 25.42 -1.71
N ARG B 87 -6.67 25.37 -0.72
CA ARG B 87 -5.38 24.69 -0.83
C ARG B 87 -5.62 23.37 -0.15
N VAL B 88 -5.33 22.27 -0.84
CA VAL B 88 -5.73 20.96 -0.34
C VAL B 88 -4.53 20.04 -0.29
N ARG B 89 -4.24 19.46 0.86
CA ARG B 89 -3.23 18.39 0.93
C ARG B 89 -3.86 17.04 1.33
N ARG B 90 -3.54 15.98 0.59
CA ARG B 90 -4.01 14.65 0.90
C ARG B 90 -3.09 13.96 1.91
N LEU B 91 -3.69 13.43 2.99
CA LEU B 91 -2.98 12.77 4.09
C LEU B 91 -3.43 11.32 4.28
N ALA B 92 -2.55 10.53 4.90
CA ALA B 92 -2.82 9.11 5.15
C ALA B 92 -2.88 8.85 6.63
N GLY B 93 -3.81 7.98 7.03
CA GLY B 93 -3.80 7.48 8.39
C GLY B 93 -4.08 6.00 8.63
N ARG B 94 -3.95 5.63 9.89
CA ARG B 94 -4.20 4.28 10.35
C ARG B 94 -5.43 4.31 11.23
N VAL B 95 -6.38 3.40 11.02
CA VAL B 95 -7.57 3.35 11.86
C VAL B 95 -7.37 2.66 13.24
N VAL B 96 -7.83 3.32 14.30
CA VAL B 96 -7.75 2.73 15.64
C VAL B 96 -9.13 2.58 16.35
N TRP B 97 -10.21 3.01 15.71
CA TRP B 97 -11.56 2.88 16.26
C TRP B 97 -11.78 1.52 16.97
N LEU B 98 -12.05 1.59 18.27
CA LEU B 98 -12.27 0.39 19.11
C LEU B 98 -11.14 -0.63 19.10
N ALA B 99 -9.96 -0.23 18.65
CA ALA B 99 -8.81 -1.10 18.69
C ALA B 99 -8.52 -1.44 20.12
N PRO B 100 -8.31 -2.74 20.43
CA PRO B 100 -7.83 -3.04 21.78
C PRO B 100 -6.39 -2.55 22.03
N PRO B 101 -5.95 -2.56 23.29
CA PRO B 101 -4.53 -2.75 23.62
C PRO B 101 -3.83 -3.92 22.89
N ASP B 102 -4.56 -5.01 22.62
CA ASP B 102 -4.00 -6.21 21.93
C ASP B 102 -3.31 -5.82 20.59
N ALA B 103 -3.97 -4.90 19.87
CA ALA B 103 -3.43 -4.05 18.77
C ALA B 103 -2.27 -4.54 17.89
N PRO B 104 -2.55 -5.41 16.89
CA PRO B 104 -1.53 -5.54 15.85
C PRO B 104 -1.53 -4.21 15.13
N THR B 105 -0.36 -3.63 14.85
CA THR B 105 -0.33 -2.25 14.31
C THR B 105 -1.12 -2.11 12.99
N PRO B 106 -2.02 -1.12 12.91
CA PRO B 106 -2.93 -1.14 11.79
C PRO B 106 -2.32 -0.60 10.49
N ALA B 107 -2.90 -1.03 9.37
CA ALA B 107 -2.50 -0.59 8.05
C ALA B 107 -2.95 0.88 7.78
N GLN B 108 -2.21 1.59 6.96
CA GLN B 108 -2.69 2.88 6.48
C GLN B 108 -3.84 2.72 5.49
N THR B 109 -5.07 2.76 5.96
CA THR B 109 -6.22 2.54 5.08
C THR B 109 -7.16 3.77 5.06
N HIS B 110 -6.81 4.80 5.81
CA HIS B 110 -7.65 6.00 5.79
C HIS B 110 -6.94 7.11 5.06
N THR B 111 -7.71 7.97 4.42
CA THR B 111 -7.17 9.19 3.83
C THR B 111 -7.99 10.42 4.26
N VAL B 112 -7.32 11.53 4.60
CA VAL B 112 -7.99 12.76 5.03
C VAL B 112 -7.33 13.98 4.40
N LEU B 113 -7.87 15.17 4.65
CA LEU B 113 -7.37 16.39 4.03
C LEU B 113 -6.89 17.51 4.96
N ALA B 114 -5.78 18.16 4.58
CA ALA B 114 -5.40 19.44 5.21
C ALA B 114 -5.82 20.56 4.28
N VAL B 115 -6.74 21.39 4.76
CA VAL B 115 -7.25 22.47 3.94
C VAL B 115 -6.90 23.82 4.53
N THR B 116 -6.39 24.70 3.68
CA THR B 116 -6.26 26.12 3.97
C THR B 116 -6.90 26.93 2.82
N PHE B 117 -7.13 28.23 3.05
CA PHE B 117 -7.79 29.18 2.10
C PHE B 117 -7.32 30.59 2.48
N PRO B 118 -7.63 31.63 1.68
CA PRO B 118 -7.20 33.00 2.06
C PRO B 118 -7.76 33.61 3.38
N GLY B 119 -6.84 34.13 4.18
CA GLY B 119 -7.14 34.68 5.51
C GLY B 119 -7.58 33.66 6.55
N CYS B 120 -7.57 32.38 6.18
CA CYS B 120 -7.87 31.32 7.11
C CYS B 120 -6.99 31.41 8.34
N GLN B 121 -7.57 31.11 9.50
CA GLN B 121 -6.83 31.30 10.76
C GLN B 121 -5.63 30.32 10.94
N GLY B 122 -5.82 29.04 10.67
CA GLY B 122 -4.73 28.08 10.45
C GLY B 122 -5.21 27.02 9.46
N PRO B 123 -4.57 25.83 9.44
CA PRO B 123 -5.10 24.82 8.52
C PRO B 123 -6.22 23.98 9.17
N TYR B 124 -7.08 23.42 8.36
CA TYR B 124 -8.22 22.71 8.88
C TYR B 124 -8.18 21.28 8.36
N LEU B 125 -8.76 20.36 9.14
CA LEU B 125 -8.81 18.94 8.82
C LEU B 125 -10.17 18.71 8.24
N VAL B 126 -10.22 18.07 7.08
CA VAL B 126 -11.51 17.74 6.46
C VAL B 126 -11.57 16.24 6.20
N ASP B 127 -12.60 15.60 6.77
CA ASP B 127 -12.79 14.16 6.68
C ASP B 127 -14.27 13.89 6.55
N VAL B 128 -14.69 13.66 5.32
CA VAL B 128 -16.05 13.29 5.13
C VAL B 128 -16.18 11.79 4.90
N GLY B 129 -15.11 11.03 5.05
CA GLY B 129 -15.18 9.64 4.58
C GLY B 129 -14.87 8.56 5.60
N PHE B 130 -14.90 8.91 6.87
CA PHE B 130 -14.54 7.94 7.83
C PHE B 130 -15.67 6.99 8.12
N GLY B 131 -16.91 7.37 7.79
CA GLY B 131 -18.07 6.55 8.08
C GLY B 131 -18.85 7.05 9.28
N GLY B 132 -19.31 6.12 10.14
CA GLY B 132 -20.19 6.39 11.28
C GLY B 132 -19.71 7.45 12.26
N MET B 133 -18.40 7.68 12.36
CA MET B 133 -17.87 8.73 13.25
C MET B 133 -17.15 9.89 12.48
N THR B 134 -17.52 10.10 11.22
CA THR B 134 -16.87 11.14 10.44
C THR B 134 -17.21 12.53 11.04
N PRO B 135 -16.21 13.42 11.18
CA PRO B 135 -16.61 14.73 11.64
C PRO B 135 -17.45 15.42 10.57
N THR B 136 -18.51 16.12 10.93
CA THR B 136 -19.39 16.76 9.95
C THR B 136 -19.16 18.26 9.90
N ALA B 137 -17.93 18.63 10.25
CA ALA B 137 -17.42 19.99 10.09
C ALA B 137 -15.90 19.98 9.87
N PRO B 138 -15.35 21.06 9.31
CA PRO B 138 -13.89 21.11 9.26
C PRO B 138 -13.36 21.35 10.68
N LEU B 139 -12.16 20.88 10.98
CA LEU B 139 -11.62 21.06 12.34
C LEU B 139 -10.26 21.74 12.29
N ARG B 140 -10.04 22.72 13.14
CA ARG B 140 -8.74 23.36 13.13
C ARG B 140 -7.68 22.29 13.37
N LEU B 141 -6.73 22.21 12.47
CA LEU B 141 -5.65 21.28 12.64
C LEU B 141 -4.75 21.79 13.78
N GLU B 142 -5.20 21.60 15.01
CA GLU B 142 -4.46 22.00 16.16
C GLU B 142 -4.84 21.12 17.33
N THR B 143 -3.83 20.83 18.15
CA THR B 143 -3.92 19.86 19.22
C THR B 143 -4.62 20.46 20.45
N GLY B 144 -5.20 19.63 21.29
CA GLY B 144 -5.62 20.08 22.62
C GLY B 144 -6.99 20.70 22.74
N THR B 145 -7.40 21.49 21.74
CA THR B 145 -8.67 22.21 21.76
C THR B 145 -9.83 21.26 21.53
N VAL B 146 -10.83 21.30 22.42
CA VAL B 146 -12.07 20.58 22.20
C VAL B 146 -12.96 21.37 21.25
N GLN B 147 -13.27 20.76 20.09
CA GLN B 147 -13.99 21.41 18.99
C GLN B 147 -15.41 20.85 18.86
N GLN B 148 -16.44 21.66 19.11
CA GLN B 148 -17.83 21.22 18.98
C GLN B 148 -18.18 21.12 17.51
N THR B 149 -19.02 20.14 17.17
CA THR B 149 -19.71 20.10 15.88
C THR B 149 -21.21 20.02 16.14
N ALA B 150 -21.96 19.83 15.08
CA ALA B 150 -23.38 19.68 15.23
C ALA B 150 -23.71 18.34 15.89
N LEU B 151 -22.75 17.42 15.85
CA LEU B 151 -22.97 16.12 16.50
C LEU B 151 -22.05 15.91 17.71
N GLU B 152 -21.02 15.09 17.59
CA GLU B 152 -20.20 14.83 18.76
C GLU B 152 -19.05 15.84 18.76
N PRO B 153 -18.42 16.03 19.94
CA PRO B 153 -17.27 16.89 19.93
C PRO B 153 -16.02 16.09 19.58
N TYR B 154 -15.04 16.79 19.00
CA TYR B 154 -13.77 16.22 18.55
C TYR B 154 -12.55 16.91 19.19
N ARG B 155 -11.43 16.19 19.21
CA ARG B 155 -10.15 16.70 19.73
C ARG B 155 -8.97 16.02 19.03
N LEU B 156 -7.87 16.76 18.81
CA LEU B 156 -6.63 16.17 18.25
C LEU B 156 -5.53 16.14 19.30
N ASP B 157 -4.80 15.04 19.34
CA ASP B 157 -3.62 14.98 20.20
C ASP B 157 -2.39 14.50 19.45
N ASP B 158 -1.25 14.88 19.99
CA ASP B 158 0.02 14.31 19.56
C ASP B 158 0.07 12.79 19.82
N ARG B 159 0.49 12.05 18.81
CA ARG B 159 0.80 10.63 18.91
C ARG B 159 1.80 10.33 17.79
N GLY B 160 3.05 9.99 18.12
CA GLY B 160 4.14 10.12 17.12
C GLY B 160 4.63 11.56 17.34
N ASP B 161 5.03 12.37 16.34
CA ASP B 161 5.18 12.20 14.86
C ASP B 161 3.99 12.56 14.01
N GLY B 162 2.79 12.24 14.52
CA GLY B 162 1.56 12.58 13.84
C GLY B 162 0.56 12.94 14.90
N LEU B 163 -0.69 12.79 14.54
CA LEU B 163 -1.78 13.19 15.37
C LEU B 163 -2.78 12.07 15.46
N VAL B 164 -3.65 12.17 16.46
CA VAL B 164 -4.73 11.23 16.58
C VAL B 164 -6.00 12.04 16.70
N LEU B 165 -6.98 11.71 15.87
CA LEU B 165 -8.29 12.32 15.99
C LEU B 165 -9.10 11.53 17.00
N GLN B 166 -9.71 12.23 17.97
CA GLN B 166 -10.56 11.60 18.97
C GLN B 166 -11.92 12.22 18.99
N ALA B 167 -12.92 11.45 19.42
CA ALA B 167 -14.27 11.97 19.63
C ALA B 167 -14.91 11.42 20.91
N MET B 168 -15.56 12.30 21.67
CA MET B 168 -16.39 11.88 22.80
C MET B 168 -17.54 11.00 22.33
N VAL B 169 -17.45 9.69 22.54
CA VAL B 169 -18.66 8.95 22.36
C VAL B 169 -19.24 8.44 23.66
N ARG B 170 -20.50 8.86 23.83
CA ARG B 170 -21.15 8.94 25.11
C ARG B 170 -20.15 9.54 26.08
N ASP B 171 -19.80 8.93 27.20
CA ASP B 171 -18.91 9.66 28.09
C ASP B 171 -17.44 9.22 28.09
N GLU B 172 -16.83 9.20 26.91
CA GLU B 172 -15.51 8.62 26.75
C GLU B 172 -14.82 9.10 25.47
N TRP B 173 -13.59 9.59 25.58
CA TRP B 173 -12.84 9.95 24.38
C TRP B 173 -12.33 8.71 23.67
N GLN B 174 -12.79 8.53 22.43
CA GLN B 174 -12.42 7.40 21.64
C GLN B 174 -11.54 7.83 20.49
N ALA B 175 -10.39 7.18 20.37
CA ALA B 175 -9.47 7.41 19.27
C ALA B 175 -10.04 6.89 17.96
N LEU B 176 -10.01 7.71 16.93
CA LEU B 176 -10.51 7.27 15.63
C LEU B 176 -9.36 6.80 14.75
N TYR B 177 -8.43 7.70 14.46
CA TYR B 177 -7.31 7.29 13.63
C TYR B 177 -6.08 8.12 13.91
N GLU B 178 -4.93 7.54 13.60
CA GLU B 178 -3.66 8.22 13.73
C GLU B 178 -3.22 8.68 12.33
N PHE B 179 -2.65 9.87 12.21
CA PHE B 179 -2.13 10.24 10.91
C PHE B 179 -0.93 11.16 10.93
N SER B 180 -0.15 11.12 9.85
CA SER B 180 0.95 12.06 9.64
C SER B 180 0.37 13.26 8.91
N THR B 181 0.98 14.42 9.08
CA THR B 181 0.52 15.58 8.30
C THR B 181 1.29 15.73 6.97
N LEU B 182 2.12 14.75 6.64
CA LEU B 182 2.89 14.74 5.40
C LEU B 182 2.02 14.55 4.20
N THR B 183 2.24 15.34 3.17
CA THR B 183 1.47 15.13 1.94
C THR B 183 1.82 13.75 1.34
N ARG B 184 0.82 13.04 0.85
CA ARG B 184 1.04 11.75 0.19
C ARG B 184 0.60 11.84 -1.25
N PRO B 185 1.43 11.31 -2.17
CA PRO B 185 1.10 11.29 -3.59
C PRO B 185 -0.16 10.51 -3.81
N GLN B 186 -0.86 10.76 -4.93
CA GLN B 186 -2.07 10.03 -5.29
C GLN B 186 -1.84 8.49 -5.38
N VAL B 187 -0.69 8.08 -5.88
CA VAL B 187 -0.40 6.68 -6.04
C VAL B 187 -0.39 5.89 -4.70
N ASP B 188 0.05 6.51 -3.63
CA ASP B 188 0.06 5.89 -2.32
C ASP B 188 -1.36 5.64 -1.81
N LEU B 189 -2.22 6.62 -1.98
CA LEU B 189 -3.65 6.42 -1.76
C LEU B 189 -4.16 5.25 -2.61
N ARG B 190 -3.82 5.21 -3.88
CA ARG B 190 -4.20 4.12 -4.75
C ARG B 190 -3.81 2.69 -4.21
N VAL B 191 -2.57 2.52 -3.74
CA VAL B 191 -2.09 1.27 -3.19
C VAL B 191 -2.94 0.95 -1.96
N GLY B 192 -3.22 1.96 -1.15
CA GLY B 192 -4.06 1.75 0.04
C GLY B 192 -5.46 1.28 -0.32
N SER B 193 -6.09 1.89 -1.32
CA SER B 193 -7.47 1.57 -1.64
C SER B 193 -7.51 0.20 -2.26
N TRP B 194 -6.48 -0.15 -3.05
CA TRP B 194 -6.41 -1.47 -3.62
C TRP B 194 -6.49 -2.54 -2.51
N PHE B 195 -5.66 -2.37 -1.48
CA PHE B 195 -5.56 -3.38 -0.45
C PHE B 195 -6.95 -3.52 0.18
N VAL B 196 -7.48 -2.40 0.67
CA VAL B 196 -8.76 -2.30 1.39
C VAL B 196 -9.99 -2.80 0.61
N SER B 197 -9.98 -2.73 -0.72
CA SER B 197 -11.14 -3.16 -1.50
C SER B 197 -10.97 -4.52 -2.13
N THR B 198 -9.78 -5.12 -2.04
CA THR B 198 -9.55 -6.45 -2.65
C THR B 198 -8.95 -7.57 -1.79
N HIS B 199 -8.33 -7.25 -0.66
CA HIS B 199 -7.75 -8.30 0.19
C HIS B 199 -8.85 -9.08 0.89
N PRO B 200 -8.86 -10.43 0.77
CA PRO B 200 -9.94 -11.24 1.32
C PRO B 200 -10.22 -11.06 2.82
N THR B 201 -9.27 -10.52 3.57
CA THR B 201 -9.52 -10.28 4.99
C THR B 201 -9.96 -8.83 5.33
N SER B 202 -9.96 -7.92 4.35
CA SER B 202 -10.44 -6.56 4.57
C SER B 202 -11.88 -6.60 5.03
N HIS B 203 -12.21 -5.89 6.11
CA HIS B 203 -13.59 -5.87 6.55
C HIS B 203 -14.48 -5.21 5.48
N PHE B 204 -13.90 -4.43 4.58
CA PHE B 204 -14.71 -3.81 3.52
C PHE B 204 -15.09 -4.82 2.40
N VAL B 205 -14.63 -6.06 2.54
CA VAL B 205 -14.80 -7.11 1.57
C VAL B 205 -15.69 -8.18 2.16
N THR B 206 -15.55 -8.40 3.46
CA THR B 206 -16.23 -9.49 4.15
C THR B 206 -17.56 -9.14 4.86
N GLY B 207 -17.90 -7.87 4.95
CA GLY B 207 -19.10 -7.44 5.63
C GLY B 207 -19.66 -6.16 5.04
N LEU B 208 -20.88 -5.81 5.37
CA LEU B 208 -21.49 -4.65 4.77
C LEU B 208 -21.44 -3.52 5.77
N MET B 209 -21.06 -2.32 5.30
CA MET B 209 -20.98 -1.12 6.17
C MET B 209 -21.57 0.09 5.47
N ALA B 210 -22.47 0.80 6.16
CA ALA B 210 -23.03 2.06 5.63
C ALA B 210 -23.21 3.09 6.74
N ALA B 211 -23.21 4.37 6.36
CA ALA B 211 -23.37 5.45 7.32
C ALA B 211 -23.88 6.75 6.64
N THR B 212 -24.75 7.46 7.33
CA THR B 212 -25.19 8.77 6.87
C THR B 212 -25.67 9.62 8.03
N VAL B 213 -25.98 10.89 7.76
CA VAL B 213 -26.44 11.80 8.77
C VAL B 213 -27.71 12.35 8.19
N ALA B 214 -28.80 12.21 8.95
CA ALA B 214 -30.11 12.76 8.61
C ALA B 214 -30.53 13.21 9.97
N ASP B 215 -31.19 14.35 10.07
CA ASP B 215 -31.04 15.13 11.30
C ASP B 215 -31.74 14.65 12.57
N ASP B 216 -31.08 14.89 13.70
CA ASP B 216 -29.69 15.31 13.74
C ASP B 216 -28.99 14.11 14.29
N ALA B 217 -29.09 13.03 13.55
CA ALA B 217 -28.74 11.71 14.03
C ALA B 217 -27.70 11.05 13.15
N ARG B 218 -26.83 10.23 13.74
CA ARG B 218 -25.98 9.31 12.98
C ARG B 218 -26.83 8.08 12.64
N TRP B 219 -26.76 7.62 11.40
CA TRP B 219 -27.42 6.36 11.03
C TRP B 219 -26.34 5.43 10.54
N ASN B 220 -26.15 4.33 11.23
CA ASN B 220 -25.05 3.41 10.92
C ASN B 220 -25.56 2.03 10.63
N LEU B 221 -25.00 1.40 9.59
CA LEU B 221 -25.36 0.02 9.29
C LEU B 221 -24.14 -0.93 9.33
N MET B 222 -24.25 -2.02 10.08
CA MET B 222 -23.25 -3.11 10.10
C MET B 222 -23.98 -4.39 9.86
N GLY B 223 -23.81 -4.96 8.66
CA GLY B 223 -24.64 -6.07 8.25
C GLY B 223 -26.10 -5.68 8.43
N ARG B 224 -26.86 -6.47 9.18
CA ARG B 224 -28.28 -6.16 9.35
C ARG B 224 -28.61 -5.39 10.65
N ASN B 225 -27.58 -4.97 11.36
CA ASN B 225 -27.73 -4.17 12.56
C ASN B 225 -27.66 -2.71 12.20
N LEU B 226 -28.81 -2.04 12.29
CA LEU B 226 -28.90 -0.59 12.04
C LEU B 226 -28.89 0.14 13.37
N ALA B 227 -28.07 1.16 13.50
CA ALA B 227 -28.12 1.96 14.72
C ALA B 227 -28.30 3.44 14.43
N ILE B 228 -29.15 4.05 15.24
CA ILE B 228 -29.43 5.48 15.14
C ILE B 228 -28.86 6.15 16.37
N HIS B 229 -28.04 7.18 16.17
CA HIS B 229 -27.51 7.93 17.30
C HIS B 229 -27.92 9.39 17.18
N ARG B 230 -28.89 9.82 17.99
CA ARG B 230 -29.33 11.23 18.03
C ARG B 230 -29.05 11.78 19.43
N ARG B 231 -28.24 12.83 19.51
CA ARG B 231 -27.88 13.37 20.81
C ARG B 231 -27.24 12.31 21.76
N GLY B 232 -26.51 11.39 21.16
CA GLY B 232 -25.73 10.34 21.80
C GLY B 232 -26.19 9.29 22.83
N GLY B 233 -27.42 8.75 22.82
CA GLY B 233 -28.33 8.63 21.70
C GLY B 233 -28.13 7.28 21.01
N THR B 234 -28.64 6.17 21.54
CA THR B 234 -28.47 4.89 20.82
C THR B 234 -29.75 4.07 20.68
N GLU B 235 -30.14 3.85 19.43
CA GLU B 235 -31.33 3.06 19.08
C GLU B 235 -30.95 1.97 18.08
N LYS B 236 -31.02 0.71 18.49
CA LYS B 236 -30.66 -0.43 17.62
C LYS B 236 -31.85 -1.11 16.95
N ILE B 237 -31.80 -1.30 15.63
CA ILE B 237 -32.86 -1.96 14.90
C ILE B 237 -32.26 -3.13 14.12
N LEU B 238 -32.81 -4.32 14.35
CA LEU B 238 -32.46 -5.55 13.64
C LEU B 238 -33.37 -5.73 12.41
N LEU B 239 -32.80 -5.63 11.21
CA LEU B 239 -33.55 -5.76 9.94
C LEU B 239 -33.80 -7.24 9.62
N GLU B 240 -35.03 -7.57 9.21
CA GLU B 240 -35.51 -8.96 9.18
C GLU B 240 -34.90 -9.81 8.07
N ASP B 241 -34.51 -9.18 6.95
CA ASP B 241 -34.02 -9.93 5.78
C ASP B 241 -33.25 -9.10 4.79
N ALA B 242 -32.63 -9.78 3.82
CA ALA B 242 -31.82 -9.15 2.77
C ALA B 242 -32.55 -8.03 2.02
N ALA B 243 -33.83 -8.26 1.73
CA ALA B 243 -34.66 -7.30 1.04
C ALA B 243 -34.83 -5.99 1.83
N ALA B 244 -35.12 -6.11 3.14
CA ALA B 244 -35.24 -4.94 4.00
C ALA B 244 -33.92 -4.19 4.02
N VAL B 245 -32.81 -4.94 4.00
CA VAL B 245 -31.48 -4.36 4.04
C VAL B 245 -31.18 -3.54 2.75
N VAL B 246 -31.59 -4.08 1.60
CA VAL B 246 -31.48 -3.35 0.35
C VAL B 246 -32.44 -2.15 0.32
N ASP B 247 -33.64 -2.32 0.89
CA ASP B 247 -34.62 -1.21 0.93
C ASP B 247 -34.04 -0.06 1.73
N THR B 248 -33.53 -0.39 2.92
CA THR B 248 -32.93 0.56 3.82
C THR B 248 -31.78 1.29 3.17
N LEU B 249 -30.98 0.59 2.39
CA LEU B 249 -29.85 1.18 1.65
C LEU B 249 -30.30 2.15 0.56
N GLY B 250 -31.43 1.83 -0.08
CA GLY B 250 -32.11 2.70 -1.04
C GLY B 250 -32.73 3.92 -0.39
N ASP B 251 -33.59 3.75 0.64
CA ASP B 251 -34.32 4.90 1.22
C ASP B 251 -33.42 5.65 2.16
N ARG B 252 -33.25 5.13 3.37
CA ARG B 252 -32.47 5.80 4.42
C ARG B 252 -31.12 6.33 4.00
N PHE B 253 -30.36 5.49 3.32
CA PHE B 253 -29.03 5.84 2.99
C PHE B 253 -28.91 6.53 1.63
N GLY B 254 -30.00 6.55 0.87
CA GLY B 254 -30.09 7.22 -0.43
C GLY B 254 -29.19 6.67 -1.56
N ILE B 255 -28.84 5.38 -1.51
CA ILE B 255 -27.90 4.80 -2.46
C ILE B 255 -28.69 4.32 -3.65
N ASN B 256 -28.18 4.63 -4.84
CA ASN B 256 -28.70 4.05 -6.05
C ASN B 256 -28.34 2.59 -6.14
N VAL B 257 -29.12 1.73 -5.48
CA VAL B 257 -28.80 0.29 -5.41
C VAL B 257 -28.98 -0.48 -6.73
N ALA B 258 -29.79 0.06 -7.64
CA ALA B 258 -29.93 -0.52 -8.99
C ALA B 258 -28.58 -0.53 -9.73
N ASP B 259 -27.77 0.51 -9.50
CA ASP B 259 -26.42 0.67 -10.06
C ASP B 259 -25.48 -0.47 -9.73
N VAL B 260 -25.72 -1.15 -8.61
CA VAL B 260 -24.80 -2.21 -8.13
C VAL B 260 -24.96 -3.47 -9.00
N GLY B 261 -26.02 -3.48 -9.79
CA GLY B 261 -26.32 -4.60 -10.66
C GLY B 261 -27.74 -5.05 -10.44
N GLU B 262 -27.88 -6.36 -10.36
CA GLU B 262 -29.17 -6.98 -10.39
C GLU B 262 -29.61 -7.29 -8.97
N ARG B 263 -30.83 -6.94 -8.62
CA ARG B 263 -31.19 -6.88 -7.19
C ARG B 263 -30.98 -8.20 -6.47
N GLY B 264 -31.30 -9.30 -7.14
CA GLY B 264 -31.10 -10.62 -6.59
C GLY B 264 -29.64 -10.94 -6.29
N ARG B 265 -28.73 -10.47 -7.15
CA ARG B 265 -27.30 -10.69 -6.92
C ARG B 265 -26.87 -10.04 -5.62
N LEU B 266 -27.38 -8.82 -5.38
CA LEU B 266 -27.07 -8.04 -4.20
C LEU B 266 -27.74 -8.62 -2.96
N GLU B 267 -28.95 -9.16 -3.12
CA GLU B 267 -29.68 -9.71 -1.99
C GLU B 267 -29.05 -11.01 -1.53
N ALA B 268 -28.51 -11.75 -2.50
CA ALA B 268 -27.80 -12.99 -2.21
C ALA B 268 -26.51 -12.69 -1.50
N ARG B 269 -25.80 -11.66 -1.93
CA ARG B 269 -24.57 -11.28 -1.24
C ARG B 269 -24.90 -10.89 0.17
N ILE B 270 -25.93 -10.06 0.32
CA ILE B 270 -26.31 -9.56 1.62
C ILE B 270 -26.78 -10.74 2.48
N ASP B 271 -27.45 -11.73 1.88
CA ASP B 271 -27.90 -12.89 2.64
C ASP B 271 -26.71 -13.67 3.22
N LYS B 272 -25.65 -13.77 2.43
CA LYS B 272 -24.47 -14.54 2.82
C LYS B 272 -23.69 -13.82 3.90
N VAL B 273 -23.76 -12.49 3.89
CA VAL B 273 -22.79 -11.71 4.60
C VAL B 273 -22.90 -11.51 6.13
N CYS B 274 -24.02 -11.74 6.82
CA CYS B 274 -25.27 -10.96 6.87
C CYS B 274 -26.19 -11.05 8.10
N PHE B 275 -26.91 -12.13 8.44
CA PHE B 275 -27.37 -13.35 7.71
C PHE B 275 -26.45 -14.54 7.48
#